data_5L98
#
_entry.id   5L98
#
_cell.length_a   80.503
_cell.length_b   96.394
_cell.length_c   57.613
_cell.angle_alpha   90.000
_cell.angle_beta   90.000
_cell.angle_gamma   90.000
#
_symmetry.space_group_name_H-M   'C 2 2 21'
#
loop_
_entity.id
_entity.type
_entity.pdbx_description
1 polymer 'Bromodomain adjacent to zinc finger domain protein 2B'
2 non-polymer ~{N}-[(1~{S})-1-(2,3-dihydro-1,4-benzodioxin-6-yl)ethyl]-2-methyl-pyridin-3-amine
3 non-polymer 1,2-ETHANEDIOL
4 water water
#
_entity_poly.entity_id   1
_entity_poly.type   'polypeptide(L)'
_entity_poly.pdbx_seq_one_letter_code
;SMSVKKPKRDDSKDLALCSMILTEMETHEDAWPFLLPVNLKLVPGYKKVIKKPMDFSTIREKLSSGQYPNLETFALDVRL
VFDNCETFNEDDSDIGRAGHNMRKYFEKKWTDTFKV
;
_entity_poly.pdbx_strand_id   A
#
# COMPACT_ATOMS: atom_id res chain seq x y z
N SER A 1 19.69 -6.84 -22.28
CA SER A 1 19.04 -6.95 -23.59
C SER A 1 18.90 -8.40 -24.01
N MET A 2 18.54 -8.62 -25.28
CA MET A 2 18.38 -9.96 -25.85
C MET A 2 19.60 -10.83 -25.57
N SER A 3 19.39 -11.94 -24.84
CA SER A 3 20.46 -12.87 -24.48
C SER A 3 21.55 -12.23 -23.61
N VAL A 4 21.27 -11.06 -23.04
CA VAL A 4 22.16 -10.49 -22.03
C VAL A 4 21.32 -10.26 -20.79
N LYS A 5 21.31 -11.27 -19.92
CA LYS A 5 20.43 -11.23 -18.77
C LYS A 5 21.23 -10.94 -17.52
N LYS A 6 20.70 -10.03 -16.72
CA LYS A 6 21.26 -9.76 -15.42
C LYS A 6 20.90 -10.94 -14.53
N PRO A 7 21.84 -11.38 -13.69
CA PRO A 7 21.39 -12.31 -12.65
C PRO A 7 20.56 -11.51 -11.67
N LYS A 8 19.40 -12.02 -11.28
CA LYS A 8 18.58 -11.24 -10.37
C LYS A 8 17.88 -12.12 -9.33
N ARG A 9 17.23 -11.44 -8.40
CA ARG A 9 16.58 -12.01 -7.24
C ARG A 9 15.85 -13.33 -7.43
N ASP A 10 15.91 -14.17 -6.40
CA ASP A 10 14.95 -15.24 -6.24
C ASP A 10 13.63 -14.59 -5.81
N ASP A 11 12.59 -14.72 -6.63
CA ASP A 11 11.33 -14.04 -6.32
C ASP A 11 10.27 -15.01 -5.78
N SER A 12 10.68 -16.25 -5.56
CA SER A 12 9.74 -17.29 -5.15
C SER A 12 9.06 -17.01 -3.81
N LYS A 13 9.70 -16.22 -2.95
CA LYS A 13 9.16 -15.96 -1.62
C LYS A 13 8.33 -14.69 -1.57
N ASP A 14 8.46 -13.89 -2.63
CA ASP A 14 7.97 -12.52 -2.64
C ASP A 14 6.48 -12.38 -2.29
N LEU A 15 5.66 -13.22 -2.91
CA LEU A 15 4.23 -13.25 -2.65
C LEU A 15 3.94 -13.46 -1.16
N ALA A 16 4.62 -14.42 -0.53
CA ALA A 16 4.43 -14.70 0.88
C ALA A 16 4.83 -13.50 1.72
N LEU A 17 6.01 -12.96 1.44
CA LEU A 17 6.56 -11.84 2.20
C LEU A 17 5.67 -10.59 2.07
N CYS A 18 5.16 -10.32 0.88
CA CYS A 18 4.25 -9.19 0.69
C CYS A 18 3.00 -9.36 1.54
N SER A 19 2.45 -10.57 1.54
CA SER A 19 1.28 -10.90 2.34
C SER A 19 1.52 -10.70 3.83
N MET A 20 2.71 -11.04 4.29
CA MET A 20 3.02 -10.86 5.71
C MET A 20 3.20 -9.39 6.08
N ILE A 21 3.91 -8.63 5.25
CA ILE A 21 4.00 -7.18 5.45
C ILE A 21 2.62 -6.55 5.48
N LEU A 22 1.75 -6.99 4.57
CA LEU A 22 0.39 -6.46 4.49
C LEU A 22 -0.39 -6.81 5.75
N THR A 23 -0.19 -8.03 6.24
CA THR A 23 -0.84 -8.49 7.45
C THR A 23 -0.42 -7.60 8.63
N GLU A 24 0.86 -7.24 8.66
CA GLU A 24 1.35 -6.36 9.69
C GLU A 24 0.77 -4.96 9.50
N MET A 25 0.56 -4.52 8.26
CA MET A 25 -0.10 -3.23 8.02
C MET A 25 -1.52 -3.26 8.57
N GLU A 26 -2.27 -4.29 8.18
CA GLU A 26 -3.66 -4.48 8.59
C GLU A 26 -3.84 -4.53 10.11
N THR A 27 -2.84 -5.04 10.82
CA THR A 27 -2.95 -5.20 12.28
C THR A 27 -2.41 -3.99 13.08
N HIS A 28 -1.77 -3.05 12.39
CA HIS A 28 -1.30 -1.84 13.05
C HIS A 28 -2.49 -1.08 13.63
N GLU A 29 -2.32 -0.47 14.80
CA GLU A 29 -3.47 0.17 15.42
C GLU A 29 -3.94 1.39 14.61
N ASP A 30 -3.04 2.02 13.86
CA ASP A 30 -3.44 3.18 13.04
C ASP A 30 -3.90 2.76 11.63
N ALA A 31 -4.27 1.49 11.48
CA ALA A 31 -4.66 0.98 10.17
C ALA A 31 -6.09 1.37 9.80
N TRP A 32 -6.88 1.71 10.80
CA TRP A 32 -8.33 1.86 10.62
C TRP A 32 -8.79 2.78 9.47
N PRO A 33 -8.07 3.90 9.19
CA PRO A 33 -8.63 4.67 8.07
C PRO A 33 -8.43 3.98 6.72
N PHE A 34 -7.64 2.91 6.69
CA PHE A 34 -7.18 2.37 5.42
C PHE A 34 -7.61 0.94 5.14
N LEU A 35 -8.37 0.35 6.05
CA LEU A 35 -8.69 -1.07 5.98
C LEU A 35 -9.71 -1.34 4.87
N LEU A 36 -10.61 -0.39 4.65
CA LEU A 36 -11.74 -0.53 3.72
C LEU A 36 -11.76 0.61 2.71
N PRO A 37 -12.42 0.39 1.54
CA PRO A 37 -12.57 1.46 0.55
C PRO A 37 -13.26 2.67 1.18
N VAL A 38 -12.82 3.87 0.85
CA VAL A 38 -13.55 5.07 1.27
C VAL A 38 -14.92 4.99 0.61
N ASN A 39 -15.97 5.26 1.38
CA ASN A 39 -17.33 5.23 0.85
C ASN A 39 -17.60 6.43 -0.06
N LEU A 40 -17.67 6.17 -1.36
CA LEU A 40 -17.79 7.24 -2.36
C LEU A 40 -19.17 7.89 -2.34
N LYS A 41 -20.10 7.29 -1.61
CA LYS A 41 -21.44 7.86 -1.50
C LYS A 41 -21.65 8.62 -0.17
N LEU A 42 -20.65 8.61 0.70
CA LEU A 42 -20.79 9.24 2.01
C LEU A 42 -19.71 10.27 2.31
N VAL A 43 -18.65 10.27 1.52
CA VAL A 43 -17.60 11.26 1.68
C VAL A 43 -17.58 12.21 0.49
N PRO A 44 -18.09 13.43 0.68
CA PRO A 44 -18.16 14.37 -0.44
C PRO A 44 -16.75 14.75 -0.91
N GLY A 45 -16.55 14.75 -2.22
CA GLY A 45 -15.30 15.18 -2.79
C GLY A 45 -14.41 14.03 -3.25
N TYR A 46 -14.50 12.89 -2.58
CA TYR A 46 -13.48 11.86 -2.76
C TYR A 46 -13.41 11.35 -4.19
N LYS A 47 -14.57 11.04 -4.76
CA LYS A 47 -14.63 10.44 -6.09
C LYS A 47 -14.08 11.41 -7.14
N LYS A 48 -14.47 12.68 -7.01
CA LYS A 48 -14.04 13.65 -8.00
C LYS A 48 -12.55 13.93 -7.84
N VAL A 49 -12.12 14.10 -6.59
CA VAL A 49 -10.75 14.48 -6.26
C VAL A 49 -9.72 13.34 -6.36
N ILE A 50 -10.09 12.14 -5.90
CA ILE A 50 -9.14 11.02 -5.83
C ILE A 50 -9.35 10.07 -6.99
N LYS A 51 -8.47 10.15 -7.99
CA LYS A 51 -8.69 9.44 -9.23
C LYS A 51 -8.41 7.95 -9.13
N LYS A 52 -7.54 7.53 -8.21
CA LYS A 52 -7.30 6.10 -8.01
C LYS A 52 -7.36 5.75 -6.54
N PRO A 53 -8.58 5.48 -6.04
CA PRO A 53 -8.78 5.05 -4.64
C PRO A 53 -8.09 3.73 -4.39
N MET A 54 -7.58 3.53 -3.17
CA MET A 54 -6.93 2.27 -2.83
C MET A 54 -7.00 2.08 -1.32
N ASP A 55 -7.01 0.82 -0.89
CA ASP A 55 -7.12 0.48 0.53
C ASP A 55 -6.60 -0.93 0.77
N PHE A 56 -6.32 -1.28 2.03
CA PHE A 56 -5.68 -2.55 2.34
C PHE A 56 -6.49 -3.75 1.86
N SER A 57 -7.81 -3.71 2.02
CA SER A 57 -8.64 -4.85 1.66
C SER A 57 -8.61 -5.08 0.15
N THR A 58 -8.54 -4.00 -0.62
CA THR A 58 -8.43 -4.12 -2.07
C THR A 58 -7.02 -4.59 -2.43
N ILE A 59 -6.01 -4.14 -1.68
CA ILE A 59 -4.64 -4.62 -1.92
C ILE A 59 -4.57 -6.12 -1.62
N ARG A 60 -5.19 -6.53 -0.50
CA ARG A 60 -5.23 -7.94 -0.12
C ARG A 60 -5.92 -8.80 -1.18
N GLU A 61 -7.01 -8.29 -1.74
CA GLU A 61 -7.74 -9.02 -2.78
C GLU A 61 -6.90 -9.17 -4.05
N LYS A 62 -6.24 -8.10 -4.47
CA LYS A 62 -5.38 -8.17 -5.65
C LYS A 62 -4.20 -9.12 -5.44
N LEU A 63 -3.63 -9.11 -4.23
CA LEU A 63 -2.50 -9.98 -3.93
C LEU A 63 -2.92 -11.45 -4.05
N SER A 64 -3.99 -11.80 -3.35
CA SER A 64 -4.51 -13.18 -3.30
C SER A 64 -5.08 -13.67 -4.63
N SER A 65 -5.20 -12.81 -5.63
CA SER A 65 -5.74 -13.23 -6.92
C SER A 65 -4.78 -12.94 -8.09
N GLY A 66 -3.49 -12.83 -7.79
CA GLY A 66 -2.45 -12.72 -8.79
C GLY A 66 -2.51 -11.49 -9.66
N GLN A 67 -2.98 -10.38 -9.09
CA GLN A 67 -3.12 -9.17 -9.89
C GLN A 67 -1.90 -8.27 -9.80
N TYR A 68 -0.94 -8.63 -8.93
CA TYR A 68 0.35 -7.94 -8.90
C TYR A 68 1.40 -8.76 -9.63
N PRO A 69 1.93 -8.22 -10.75
CA PRO A 69 2.96 -8.86 -11.55
C PRO A 69 4.25 -9.08 -10.75
N ASN A 70 4.57 -8.14 -9.88
CA ASN A 70 5.82 -8.17 -9.11
C ASN A 70 5.72 -7.29 -7.88
N LEU A 71 6.84 -7.17 -7.17
CA LEU A 71 6.96 -6.38 -5.93
C LEU A 71 6.66 -4.92 -6.08
N GLU A 72 7.23 -4.32 -7.11
CA GLU A 72 7.11 -2.90 -7.29
C GLU A 72 5.66 -2.49 -7.52
N THR A 73 4.87 -3.33 -8.19
CA THR A 73 3.47 -2.97 -8.39
C THR A 73 2.70 -3.05 -7.07
N PHE A 74 3.06 -4.00 -6.20
CA PHE A 74 2.45 -4.06 -4.88
C PHE A 74 2.79 -2.79 -4.06
N ALA A 75 4.07 -2.44 -4.03
CA ALA A 75 4.49 -1.26 -3.27
C ALA A 75 3.82 0.01 -3.79
N LEU A 76 3.63 0.07 -5.11
CA LEU A 76 2.93 1.19 -5.71
C LEU A 76 1.51 1.36 -5.19
N ASP A 77 0.78 0.26 -5.05
CA ASP A 77 -0.58 0.34 -4.49
C ASP A 77 -0.54 0.79 -3.03
N VAL A 78 0.41 0.25 -2.26
CA VAL A 78 0.54 0.63 -0.85
C VAL A 78 0.83 2.14 -0.69
N ARG A 79 1.77 2.66 -1.47
CA ARG A 79 2.12 4.08 -1.39
C ARG A 79 0.95 4.94 -1.89
N LEU A 80 0.28 4.48 -2.95
CA LEU A 80 -0.95 5.11 -3.45
C LEU A 80 -1.94 5.35 -2.31
N VAL A 81 -2.03 4.39 -1.39
CA VAL A 81 -2.92 4.52 -0.24
C VAL A 81 -2.59 5.77 0.58
N PHE A 82 -1.31 5.97 0.88
CA PHE A 82 -0.89 7.10 1.74
C PHE A 82 -0.75 8.42 0.96
N ASP A 83 -0.62 8.33 -0.35
CA ASP A 83 -0.62 9.51 -1.21
C ASP A 83 -2.03 10.06 -1.33
N ASN A 84 -3.00 9.16 -1.49
CA ASN A 84 -4.40 9.58 -1.47
C ASN A 84 -4.76 10.20 -0.13
N CYS A 85 -4.17 9.70 0.94
CA CYS A 85 -4.44 10.21 2.28
C CYS A 85 -3.88 11.62 2.44
N GLU A 86 -2.74 11.89 1.81
CA GLU A 86 -2.11 13.20 1.96
C GLU A 86 -2.90 14.20 1.14
N THR A 87 -3.35 13.76 -0.03
CA THR A 87 -4.14 14.61 -0.90
C THR A 87 -5.41 15.13 -0.22
N PHE A 88 -6.11 14.26 0.50
CA PHE A 88 -7.44 14.58 1.03
C PHE A 88 -7.47 15.02 2.50
N ASN A 89 -6.35 14.91 3.21
CA ASN A 89 -6.36 15.08 4.66
C ASN A 89 -5.25 16.01 5.13
N GLU A 90 -5.58 16.96 5.99
CA GLU A 90 -4.57 17.81 6.59
CA GLU A 90 -4.59 17.82 6.62
C GLU A 90 -3.59 16.95 7.39
N ASP A 91 -2.31 17.29 7.33
CA ASP A 91 -1.30 16.58 8.11
C ASP A 91 -1.65 16.59 9.59
N ASP A 92 -2.20 17.73 10.04
CA ASP A 92 -2.59 17.95 11.43
C ASP A 92 -4.02 17.49 11.69
N SER A 93 -4.25 16.19 11.52
CA SER A 93 -5.52 15.55 11.84
C SER A 93 -5.22 14.10 12.17
N ASP A 94 -6.21 13.39 12.72
CA ASP A 94 -6.05 11.99 13.12
C ASP A 94 -5.74 11.11 11.92
N ILE A 95 -6.50 11.26 10.84
CA ILE A 95 -6.28 10.45 9.64
C ILE A 95 -4.96 10.85 8.98
N GLY A 96 -4.68 12.14 8.99
CA GLY A 96 -3.46 12.66 8.39
C GLY A 96 -2.21 12.12 9.05
N ARG A 97 -2.21 12.11 10.38
CA ARG A 97 -1.11 11.51 11.13
C ARG A 97 -1.02 10.00 10.92
N ALA A 98 -2.17 9.34 10.81
CA ALA A 98 -2.21 7.90 10.61
C ALA A 98 -1.45 7.53 9.34
N GLY A 99 -1.71 8.29 8.29
CA GLY A 99 -1.06 8.09 7.00
C GLY A 99 0.46 8.18 7.07
N HIS A 100 0.97 9.25 7.69
CA HIS A 100 2.41 9.42 7.83
C HIS A 100 3.01 8.28 8.66
N ASN A 101 2.35 7.96 9.78
CA ASN A 101 2.77 6.83 10.62
C ASN A 101 2.78 5.50 9.83
N MET A 102 1.70 5.23 9.09
CA MET A 102 1.58 3.96 8.34
C MET A 102 2.55 3.87 7.18
N ARG A 103 2.79 4.99 6.52
CA ARG A 103 3.78 5.04 5.44
C ARG A 103 5.18 4.74 5.97
N LYS A 104 5.55 5.36 7.08
CA LYS A 104 6.88 5.13 7.64
C LYS A 104 7.02 3.68 8.07
N TYR A 105 5.96 3.16 8.68
CA TYR A 105 5.94 1.77 9.13
C TYR A 105 6.12 0.82 7.92
N PHE A 106 5.45 1.11 6.81
CA PHE A 106 5.63 0.32 5.59
C PHE A 106 7.05 0.35 5.01
N GLU A 107 7.58 1.56 4.78
CA GLU A 107 8.86 1.69 4.09
C GLU A 107 9.98 1.03 4.87
N LYS A 108 9.86 1.04 6.18
CA LYS A 108 10.80 0.35 7.07
C LYS A 108 10.83 -1.14 6.77
N LYS A 109 9.64 -1.75 6.75
CA LYS A 109 9.50 -3.17 6.53
C LYS A 109 9.84 -3.54 5.10
N TRP A 110 9.56 -2.63 4.18
CA TRP A 110 9.91 -2.83 2.78
C TRP A 110 11.42 -2.97 2.61
N THR A 111 12.17 -2.08 3.26
CA THR A 111 13.63 -2.10 3.21
C THR A 111 14.25 -3.28 3.96
N ASP A 112 13.70 -3.59 5.13
CA ASP A 112 14.22 -4.67 5.96
C ASP A 112 13.94 -6.04 5.37
N THR A 113 12.91 -6.13 4.54
CA THR A 113 12.54 -7.40 3.95
C THR A 113 13.26 -7.67 2.65
N PHE A 114 13.31 -6.68 1.76
CA PHE A 114 13.79 -6.92 0.40
C PHE A 114 15.11 -6.26 0.05
N LYS A 115 15.28 -5.01 0.46
CA LYS A 115 16.45 -4.24 0.04
C LYS A 115 17.66 -4.67 0.85
N VAL A 116 18.22 -5.81 0.45
CA VAL A 116 19.22 -6.57 1.22
C VAL A 116 18.84 -6.62 2.71
#